data_7HET
#
_entry.id   7HET
#
_cell.length_a   88.668
_cell.length_b   88.668
_cell.length_c   39.460
_cell.angle_alpha   90.000
_cell.angle_beta   90.000
_cell.angle_gamma   90.000
#
_symmetry.space_group_name_H-M   'P 43'
#
loop_
_entity.id
_entity.type
_entity.pdbx_description
1 polymer 'Non-structural protein 3'
2 non-polymer (2R)-2-[(1R)-2,3-dihydro-1H-inden-1-yl]-2-[(7H-pyrrolo[2,3-d]pyrimidin-4-yl)amino]ethan-1-ol
3 non-polymer (2S)-2-[(1R)-2,3-dihydro-1H-inden-1-yl]-2-[(7H-pyrrolo[2,3-d]pyrimidin-4-yl)amino]ethan-1-ol
4 water water
#
_entity_poly.entity_id   1
_entity_poly.type   'polypeptide(L)'
_entity_poly.pdbx_seq_one_letter_code
;SMVNSFSGYLKLTDNVYIKNADIVEEAKKVKPTVVVNAANVYLKHGGGVAGALNKATNNAMQVESDDYIATNGPLKVGGS
CVLSGHNLAKHCLHVVGPNVNKGEDIQLLKSAYENFNQHEVLLAPLLSAGIFGADPIHSLRVCVDTVRTNVYLAVFDKNL
YDKLVSSFL
;
_entity_poly.pdbx_strand_id   A,B
#
# COMPACT_ATOMS: atom_id res chain seq x y z
N VAL A 3 -1.62 17.82 -16.16
N VAL A 3 -1.65 18.06 -15.97
CA VAL A 3 -0.90 18.92 -15.51
CA VAL A 3 -0.91 19.16 -15.34
C VAL A 3 -1.40 19.10 -14.08
C VAL A 3 -1.41 19.37 -13.91
N ASN A 4 -0.48 19.27 -13.14
N ASN A 4 -0.47 19.47 -12.98
CA ASN A 4 -0.80 19.55 -11.74
CA ASN A 4 -0.78 19.72 -11.57
C ASN A 4 0.02 20.75 -11.27
C ASN A 4 0.01 20.92 -11.08
N SER A 5 -0.23 21.16 -10.03
N SER A 5 -0.17 21.26 -9.80
CA SER A 5 0.33 22.39 -9.49
CA SER A 5 0.35 22.49 -9.23
C SER A 5 1.61 22.18 -8.69
C SER A 5 1.64 22.29 -8.42
N PHE A 6 2.18 20.97 -8.72
N PHE A 6 2.29 21.13 -8.54
CA PHE A 6 3.46 20.75 -8.09
CA PHE A 6 3.57 20.93 -7.87
C PHE A 6 4.56 21.46 -8.88
C PHE A 6 4.65 21.72 -8.61
N SER A 7 5.42 22.20 -8.18
N SER A 7 5.49 22.43 -7.86
CA SER A 7 6.40 23.07 -8.82
CA SER A 7 6.43 23.39 -8.44
C SER A 7 7.78 22.86 -8.20
C SER A 7 7.86 23.05 -8.02
N GLY A 8 8.81 22.93 -9.03
N GLY A 8 8.78 23.10 -8.98
CA GLY A 8 10.17 22.90 -8.54
CA GLY A 8 10.18 22.98 -8.68
C GLY A 8 10.74 21.52 -8.26
C GLY A 8 10.68 21.59 -8.39
N TYR A 9 10.12 20.47 -8.77
N TYR A 9 9.94 20.56 -8.79
CA TYR A 9 10.60 19.11 -8.55
CA TYR A 9 10.37 19.19 -8.55
C TYR A 9 11.59 18.70 -9.64
C TYR A 9 11.30 18.71 -9.65
N LEU A 10 12.51 17.82 -9.25
N LEU A 10 12.32 17.96 -9.24
CA LEU A 10 13.33 17.09 -10.20
CA LEU A 10 13.22 17.30 -10.16
C LEU A 10 12.61 15.80 -10.57
C LEU A 10 12.61 15.95 -10.56
N LYS A 11 12.72 15.40 -11.84
N LYS A 11 12.44 15.75 -11.86
CA LYS A 11 12.04 14.23 -12.37
CA LYS A 11 11.91 14.47 -12.35
C LYS A 11 13.04 13.07 -12.33
C LYS A 11 12.95 13.38 -12.21
N LEU A 12 12.81 12.10 -11.44
N LEU A 12 12.57 12.27 -11.59
CA LEU A 12 13.67 10.93 -11.40
CA LEU A 12 13.48 11.14 -11.42
C LEU A 12 13.24 9.90 -12.44
C LEU A 12 13.19 10.00 -12.39
N THR A 13 11.93 9.74 -12.61
N THR A 13 11.93 9.60 -12.56
CA THR A 13 11.39 8.77 -13.53
CA THR A 13 11.52 8.55 -13.48
C THR A 13 10.12 9.33 -14.15
C THR A 13 10.22 8.97 -14.15
N ASP A 14 9.48 8.49 -14.96
N ASP A 14 9.61 8.04 -14.88
CA ASP A 14 8.20 8.82 -15.56
CA ASP A 14 8.32 8.33 -15.51
C ASP A 14 7.22 9.36 -14.53
C ASP A 14 7.31 8.88 -14.50
N ASN A 15 7.21 8.78 -13.32
N ASN A 15 7.36 8.41 -13.24
CA ASN A 15 6.17 9.08 -12.34
CA ASN A 15 6.27 8.70 -12.30
C ASN A 15 6.70 9.55 -10.99
C ASN A 15 6.72 9.22 -10.93
N VAL A 16 8.00 9.48 -10.73
CA VAL A 16 8.55 9.88 -9.43
C VAL A 16 9.31 11.20 -9.58
N TYR A 17 8.96 12.15 -8.73
N TYR A 17 9.01 12.13 -8.68
CA TYR A 17 9.58 13.46 -8.66
CA TYR A 17 9.54 13.49 -8.66
C TYR A 17 10.11 13.68 -7.25
C TYR A 17 10.00 13.81 -7.24
N ILE A 18 11.05 14.62 -7.11
CA ILE A 18 11.65 14.88 -5.79
C ILE A 18 12.02 16.36 -5.62
N LYS A 19 11.91 16.85 -4.39
N LYS A 19 11.95 16.83 -4.38
CA LYS A 19 12.13 18.27 -4.11
CA LYS A 19 12.28 18.20 -4.02
C LYS A 19 12.60 18.43 -2.67
C LYS A 19 12.82 18.24 -2.61
N ASN A 20 13.58 19.31 -2.46
N ASN A 20 13.73 19.19 -2.35
CA ASN A 20 13.98 19.69 -1.10
CA ASN A 20 14.22 19.48 -0.99
C ASN A 20 12.93 20.65 -0.56
C ASN A 20 13.24 20.44 -0.34
N ALA A 21 12.08 20.17 0.34
N ALA A 21 12.31 19.91 0.45
CA ALA A 21 10.97 20.98 0.80
CA ALA A 21 11.27 20.73 1.05
C ALA A 21 10.40 20.38 2.07
C ALA A 21 10.69 20.01 2.27
N ASP A 22 9.87 21.27 2.91
N ASP A 22 10.05 20.80 3.12
CA ASP A 22 9.13 20.87 4.10
CA ASP A 22 9.22 20.29 4.22
C ASP A 22 7.76 20.38 3.66
C ASP A 22 7.86 19.90 3.66
N ILE A 23 7.46 19.10 3.90
N ILE A 23 7.46 18.64 3.86
CA ILE A 23 6.19 18.53 3.46
CA ILE A 23 6.18 18.17 3.32
C ILE A 23 5.02 19.29 4.05
C ILE A 23 5.03 19.01 3.85
N VAL A 24 5.18 19.87 5.24
N VAL A 24 5.15 19.54 5.07
CA VAL A 24 4.13 20.69 5.83
CA VAL A 24 4.10 20.36 5.64
C VAL A 24 3.87 21.92 4.98
C VAL A 24 3.93 21.63 4.83
N GLU A 25 4.94 22.65 4.63
N GLU A 25 5.05 22.29 4.47
CA GLU A 25 4.79 23.86 3.83
CA GLU A 25 4.98 23.49 3.66
C GLU A 25 4.35 23.54 2.41
C GLU A 25 4.49 23.18 2.25
N GLU A 26 4.81 22.41 1.86
N GLU A 26 4.94 22.07 1.66
CA GLU A 26 4.36 21.99 0.53
CA GLU A 26 4.43 21.66 0.36
C GLU A 26 2.86 21.73 0.54
C GLU A 26 2.92 21.44 0.41
N ALA A 27 2.38 20.95 1.52
N ALA A 27 2.44 20.83 1.50
CA ALA A 27 0.98 20.59 1.55
CA ALA A 27 0.99 20.61 1.62
C ALA A 27 0.10 21.83 1.65
C ALA A 27 0.25 21.93 1.79
N LYS A 28 0.46 22.78 2.51
N LYS A 28 0.78 22.83 2.62
CA LYS A 28 -0.31 24.00 2.65
CA LYS A 28 0.12 24.11 2.85
C LYS A 28 -0.37 24.77 1.34
C LYS A 28 -0.03 24.91 1.56
N LYS A 29 0.74 24.80 0.60
N LYS A 29 0.88 24.71 0.59
CA LYS A 29 0.77 25.53 -0.66
CA LYS A 29 0.88 25.49 -0.64
C LYS A 29 -0.04 24.81 -1.73
C LYS A 29 0.04 24.82 -1.73
N VAL A 30 0.20 23.51 -1.91
CA VAL A 30 -0.44 22.80 -3.01
C VAL A 30 -1.86 22.35 -2.66
N LYS A 31 -2.13 22.05 -1.39
N LYS A 31 -2.12 22.05 -1.39
CA LYS A 31 -3.37 21.42 -0.97
CA LYS A 31 -3.36 21.42 -0.97
C LYS A 31 -3.66 20.20 -1.85
C LYS A 31 -3.66 20.20 -1.85
N PRO A 32 -2.78 19.21 -1.85
CA PRO A 32 -2.95 18.06 -2.74
C PRO A 32 -4.15 17.24 -2.36
N THR A 33 -4.58 16.40 -3.29
CA THR A 33 -5.63 15.44 -2.99
C THR A 33 -5.21 14.50 -1.87
N VAL A 34 -3.95 14.06 -1.88
CA VAL A 34 -3.45 13.10 -0.90
C VAL A 34 -2.08 13.55 -0.41
N VAL A 35 -1.93 13.74 0.90
CA VAL A 35 -0.63 13.82 1.54
C VAL A 35 -0.41 12.53 2.32
N VAL A 36 0.78 11.96 2.20
CA VAL A 36 1.15 10.76 2.93
C VAL A 36 1.80 11.13 4.26
N ASN A 37 1.33 10.51 5.33
N ASN A 37 1.32 10.52 5.34
CA ASN A 37 1.94 10.63 6.64
CA ASN A 37 2.00 10.59 6.63
C ASN A 37 2.84 9.42 6.89
C ASN A 37 2.84 9.34 6.85
N ALA A 38 3.99 9.69 7.52
N ALA A 38 4.05 9.55 7.36
CA ALA A 38 4.89 8.63 8.00
CA ALA A 38 4.92 8.47 7.83
C ALA A 38 4.38 8.18 9.37
C ALA A 38 4.50 8.11 9.25
N ALA A 39 3.38 7.30 9.34
N ALA A 39 3.48 7.25 9.34
CA ALA A 39 2.61 6.92 10.52
CA ALA A 39 2.82 6.93 10.58
C ALA A 39 3.22 5.70 11.22
C ALA A 39 3.48 5.74 11.27
N ASN A 40 2.78 5.50 12.47
N ASN A 40 3.09 5.53 12.53
CA ASN A 40 2.97 4.26 13.19
CA ASN A 40 3.32 4.27 13.23
C ASN A 40 1.62 3.56 13.38
C ASN A 40 1.98 3.56 13.43
N VAL A 41 1.68 2.30 13.84
N VAL A 41 2.04 2.31 13.89
CA VAL A 41 0.48 1.47 13.88
CA VAL A 41 0.83 1.48 13.94
C VAL A 41 -0.57 2.03 14.82
C VAL A 41 -0.24 2.04 14.86
N TYR A 42 -0.13 2.77 15.83
N TYR A 42 0.13 2.88 15.83
CA TYR A 42 -1.02 3.40 16.80
CA TYR A 42 -0.82 3.42 16.81
C TYR A 42 -1.49 4.77 16.36
C TYR A 42 -1.36 4.79 16.42
N LEU A 43 -0.96 5.28 15.25
CA LEU A 43 -1.27 6.64 14.80
C LEU A 43 -0.99 7.66 15.90
N LYS A 44 0.12 7.47 16.63
N LYS A 44 0.12 7.47 16.61
CA LYS A 44 0.60 8.44 17.61
CA LYS A 44 0.60 8.44 17.61
C LYS A 44 1.60 9.34 16.90
C LYS A 44 1.60 9.35 16.91
N HIS A 45 1.16 10.57 16.61
CA HIS A 45 1.90 11.46 15.73
C HIS A 45 2.80 12.38 16.56
N GLY A 46 3.81 11.77 17.17
N GLY A 46 3.93 11.83 17.01
CA GLY A 46 4.57 12.46 18.21
CA GLY A 46 4.77 12.54 17.95
C GLY A 46 5.77 13.22 17.70
C GLY A 46 5.86 13.42 17.35
N GLY A 47 6.36 12.75 16.60
N GLY A 47 6.51 12.96 16.30
CA GLY A 47 7.58 13.33 16.11
CA GLY A 47 7.69 13.62 15.77
C GLY A 47 7.77 13.01 14.64
C GLY A 47 7.86 13.33 14.30
N GLY A 48 8.90 13.45 14.11
N GLY A 48 8.93 13.90 13.74
CA GLY A 48 9.17 13.22 12.70
CA GLY A 48 9.18 13.71 12.32
C GLY A 48 8.14 13.91 11.82
C GLY A 48 8.03 14.25 11.49
N VAL A 49 7.93 13.35 10.63
N VAL A 49 7.78 13.57 10.37
CA VAL A 49 6.93 13.90 9.72
CA VAL A 49 6.68 13.93 9.48
C VAL A 49 5.56 13.89 10.37
C VAL A 49 5.37 13.98 10.24
N ALA A 50 5.20 12.80 11.04
N ALA A 50 5.07 12.95 11.03
CA ALA A 50 3.88 12.70 11.66
CA ALA A 50 3.76 12.84 11.66
C ALA A 50 3.67 13.79 12.70
C ALA A 50 3.56 13.95 12.68
N GLY A 51 4.67 14.02 13.55
N GLY A 51 4.54 14.18 13.54
CA GLY A 51 4.53 15.05 14.57
CA GLY A 51 4.40 15.28 14.49
C GLY A 51 4.37 16.43 13.96
C GLY A 51 4.25 16.61 13.79
N ALA A 52 5.10 16.71 12.88
N ALA A 52 4.97 16.80 12.68
CA ALA A 52 5.01 18.02 12.24
CA ALA A 52 4.92 18.06 11.94
C ALA A 52 3.68 18.21 11.53
C ALA A 52 3.56 18.25 11.26
N LEU A 53 3.22 17.20 10.79
N LEU A 53 3.07 17.21 10.57
CA LEU A 53 1.94 17.30 10.11
CA LEU A 53 1.73 17.32 10.01
C LEU A 53 0.81 17.48 11.11
C LEU A 53 0.70 17.57 11.09
N ASN A 54 0.84 16.75 12.22
N ASN A 54 0.75 16.78 12.16
CA ASN A 54 -0.23 16.87 13.20
CA ASN A 54 -0.27 16.92 13.20
C ASN A 54 -0.19 18.25 13.86
C ASN A 54 -0.27 18.33 13.79
N LYS A 55 1.00 18.80 14.09
N LYS A 55 0.92 18.83 14.14
CA LYS A 55 1.12 20.15 14.64
CA LYS A 55 1.01 20.19 14.68
C LYS A 55 0.43 21.17 13.74
C LYS A 55 0.38 21.20 13.73
N ALA A 56 0.62 21.03 12.42
CA ALA A 56 0.04 21.96 11.46
C ALA A 56 -1.47 21.88 11.41
N THR A 57 -2.08 20.76 11.82
CA THR A 57 -3.52 20.64 11.94
C THR A 57 -4.06 21.06 13.31
N ASN A 58 -3.21 21.63 14.16
CA ASN A 58 -3.66 22.06 15.48
C ASN A 58 -4.16 20.86 16.30
N ASN A 59 -3.55 19.68 16.09
CA ASN A 59 -3.87 18.43 16.79
C ASN A 59 -5.16 17.77 16.29
N ALA A 60 -5.83 18.31 15.28
CA ALA A 60 -7.03 17.66 14.78
C ALA A 60 -6.72 16.30 14.18
N MET A 61 -5.56 16.15 13.54
CA MET A 61 -5.17 14.85 13.02
C MET A 61 -5.08 13.81 14.14
N GLN A 62 -4.50 14.18 15.28
CA GLN A 62 -4.40 13.25 16.40
C GLN A 62 -5.77 12.88 16.96
N VAL A 63 -6.65 13.87 17.11
CA VAL A 63 -7.99 13.59 17.63
C VAL A 63 -8.72 12.61 16.74
N GLU A 64 -8.68 12.84 15.42
CA GLU A 64 -9.31 11.93 14.47
C GLU A 64 -8.67 10.55 14.54
N SER A 65 -7.34 10.51 14.64
CA SER A 65 -6.62 9.25 14.68
C SER A 65 -6.96 8.44 15.92
N ASP A 66 -7.13 9.11 17.06
CA ASP A 66 -7.45 8.38 18.29
C ASP A 66 -8.81 7.71 18.17
N ASP A 67 -9.77 8.39 17.55
CA ASP A 67 -11.06 7.76 17.30
C ASP A 67 -10.92 6.58 16.33
N TYR A 68 -10.10 6.74 15.29
N TYR A 68 -10.10 6.74 15.28
CA TYR A 68 -9.90 5.63 14.36
CA TYR A 68 -9.88 5.63 14.35
C TYR A 68 -9.35 4.39 15.07
C TYR A 68 -9.36 4.39 15.08
N ILE A 69 -8.34 4.57 15.92
CA ILE A 69 -7.75 3.44 16.63
C ILE A 69 -8.74 2.83 17.62
N ALA A 70 -9.49 3.67 18.32
CA ALA A 70 -10.47 3.15 19.28
C ALA A 70 -11.49 2.26 18.58
N THR A 71 -11.82 2.57 17.34
CA THR A 71 -12.81 1.77 16.60
C THR A 71 -12.18 0.55 15.94
N ASN A 72 -11.00 0.70 15.35
CA ASN A 72 -10.44 -0.29 14.43
C ASN A 72 -9.22 -1.02 14.94
N GLY A 73 -8.58 -0.53 16.00
CA GLY A 73 -7.33 -1.10 16.44
C GLY A 73 -6.16 -0.65 15.59
N PRO A 74 -4.96 -1.08 15.96
CA PRO A 74 -3.76 -0.62 15.27
C PRO A 74 -3.70 -1.07 13.81
N LEU A 75 -2.96 -0.28 13.03
CA LEU A 75 -2.60 -0.70 11.68
C LEU A 75 -1.56 -1.81 11.76
N LYS A 76 -1.32 -2.43 10.59
CA LYS A 76 -0.20 -3.34 10.39
C LYS A 76 1.02 -2.57 9.92
N VAL A 77 2.21 -3.02 10.31
CA VAL A 77 3.42 -2.52 9.66
C VAL A 77 3.34 -2.92 8.18
N GLY A 78 3.53 -1.93 7.29
CA GLY A 78 3.31 -2.10 5.88
C GLY A 78 1.93 -1.68 5.43
N GLY A 79 1.02 -1.39 6.37
CA GLY A 79 -0.34 -1.05 6.06
C GLY A 79 -0.60 0.45 6.06
N SER A 80 -1.88 0.79 5.87
CA SER A 80 -2.27 2.19 5.75
C SER A 80 -3.75 2.35 6.08
N CYS A 81 -4.14 3.60 6.28
CA CYS A 81 -5.54 3.98 6.28
C CYS A 81 -5.67 5.38 5.71
N VAL A 82 -6.83 5.67 5.15
CA VAL A 82 -7.15 6.99 4.62
C VAL A 82 -7.99 7.73 5.65
N LEU A 83 -7.52 8.90 6.06
CA LEU A 83 -8.24 9.78 6.96
C LEU A 83 -8.29 11.17 6.34
N SER A 84 -8.86 12.12 7.07
CA SER A 84 -8.95 13.48 6.55
C SER A 84 -7.56 14.10 6.38
N GLY A 85 -7.43 14.98 5.39
CA GLY A 85 -6.26 15.81 5.26
C GLY A 85 -6.34 17.12 6.01
N HIS A 86 -7.47 17.38 6.67
CA HIS A 86 -7.66 18.59 7.49
C HIS A 86 -7.37 19.81 6.63
N ASN A 87 -6.59 20.76 7.12
CA ASN A 87 -6.28 21.97 6.41
C ASN A 87 -5.11 21.80 5.43
N LEU A 88 -4.56 20.60 5.30
N LEU A 88 -4.56 20.60 5.30
CA LEU A 88 -3.35 20.38 4.53
CA LEU A 88 -3.34 20.39 4.52
C LEU A 88 -3.60 19.76 3.16
C LEU A 88 -3.58 19.73 3.17
N ALA A 89 -4.65 18.96 3.02
CA ALA A 89 -4.91 18.17 1.83
C ALA A 89 -6.35 17.69 1.93
N LYS A 90 -6.88 17.16 0.83
CA LYS A 90 -8.19 16.52 0.93
C LYS A 90 -8.15 15.33 1.87
N HIS A 91 -7.20 14.43 1.65
CA HIS A 91 -7.04 13.21 2.41
C HIS A 91 -5.61 13.08 2.90
N CYS A 92 -5.44 12.39 4.03
CA CYS A 92 -4.14 11.94 4.48
C CYS A 92 -4.10 10.41 4.43
N LEU A 93 -3.15 9.88 3.67
CA LEU A 93 -2.88 8.45 3.66
C LEU A 93 -1.81 8.18 4.70
N HIS A 94 -2.21 7.59 5.83
CA HIS A 94 -1.28 7.23 6.89
C HIS A 94 -0.68 5.89 6.54
N VAL A 95 0.64 5.86 6.28
CA VAL A 95 1.32 4.64 5.84
C VAL A 95 2.38 4.29 6.86
N VAL A 96 2.41 3.03 7.28
CA VAL A 96 3.37 2.56 8.27
C VAL A 96 4.51 1.83 7.56
N GLY A 97 5.65 2.49 7.43
N GLY A 97 5.66 2.49 7.44
CA GLY A 97 6.87 1.82 7.06
CA GLY A 97 6.86 1.81 7.03
C GLY A 97 7.46 1.14 8.28
C GLY A 97 7.52 1.16 8.23
N PRO A 98 8.35 0.17 8.07
N PRO A 98 8.32 0.12 8.00
CA PRO A 98 9.04 -0.43 9.21
CA PRO A 98 9.04 -0.52 9.10
C PRO A 98 9.96 0.58 9.90
C PRO A 98 10.01 0.45 9.77
N ASN A 99 9.99 0.51 11.23
N ASN A 99 10.05 0.40 11.09
CA ASN A 99 10.88 1.33 12.04
CA ASN A 99 10.99 1.17 11.90
C ASN A 99 12.09 0.48 12.42
C ASN A 99 12.05 0.18 12.37
N VAL A 100 13.24 0.80 11.83
N VAL A 100 13.22 0.19 11.71
CA VAL A 100 14.45 0.03 12.11
CA VAL A 100 14.24 -0.78 12.06
C VAL A 100 14.85 0.16 13.58
C VAL A 100 14.83 -0.49 13.44
N ASN A 101 14.59 1.31 14.19
N ASN A 101 14.63 0.71 13.98
CA ASN A 101 14.89 1.48 15.60
CA ASN A 101 14.95 0.95 15.38
C ASN A 101 13.95 0.69 16.51
C ASN A 101 14.00 0.21 16.31
N LYS A 102 12.99 -0.04 15.93
N LYS A 102 12.83 -0.17 15.82
CA LYS A 102 12.20 -1.03 16.66
CA LYS A 102 11.90 -1.02 16.57
C LYS A 102 12.51 -2.47 16.23
C LYS A 102 12.08 -2.49 16.24
N GLY A 103 13.47 -2.67 15.33
N GLY A 103 12.99 -2.84 15.33
CA GLY A 103 13.79 -4.00 14.86
CA GLY A 103 13.25 -4.22 14.99
C GLY A 103 12.86 -4.54 13.79
C GLY A 103 12.38 -4.80 13.89
N GLU A 104 12.03 -3.70 13.18
N GLU A 104 11.83 -3.97 13.01
CA GLU A 104 11.03 -4.17 12.24
CA GLU A 104 10.85 -4.41 12.03
C GLU A 104 11.65 -4.47 10.89
C GLU A 104 11.48 -4.76 10.68
N ASP A 105 11.11 -5.51 10.23
N ASP A 105 10.77 -5.61 9.93
CA ASP A 105 11.68 -6.04 9.00
CA ASP A 105 11.32 -6.25 8.74
C ASP A 105 11.67 -4.97 7.91
C ASP A 105 11.39 -5.25 7.58
N ILE A 106 12.87 -4.62 7.42
N ILE A 106 12.59 -5.05 7.04
CA ILE A 106 12.98 -3.63 6.35
CA ILE A 106 12.79 -4.06 5.97
C ILE A 106 12.32 -4.14 5.07
C ILE A 106 12.02 -4.44 4.72
N GLN A 107 12.19 -5.46 4.91
N GLN A 107 11.76 -5.73 4.51
CA GLN A 107 11.49 -6.00 3.76
CA GLN A 107 11.01 -6.16 3.34
C GLN A 107 10.07 -5.49 3.66
C GLN A 107 9.61 -5.53 3.32
N LEU A 108 9.49 -5.07 4.78
N LEU A 108 9.10 -5.16 4.50
CA LEU A 108 8.13 -4.55 4.77
CA LEU A 108 7.79 -4.52 4.57
C LEU A 108 8.03 -3.19 4.08
C LEU A 108 7.79 -3.12 4.00
N LEU A 109 9.16 -2.59 3.70
N LEU A 109 8.96 -2.54 3.71
CA LEU A 109 9.11 -1.27 3.06
CA LEU A 109 8.99 -1.23 3.07
C LEU A 109 8.36 -1.32 1.74
C LEU A 109 8.35 -1.29 1.69
N LYS A 110 8.57 -2.38 0.95
CA LYS A 110 7.88 -2.50 -0.34
C LYS A 110 6.37 -2.56 -0.15
N SER A 111 5.90 -3.36 0.81
CA SER A 111 4.49 -3.41 1.10
C SER A 111 3.93 -2.04 1.46
N ALA A 112 4.70 -1.26 2.25
CA ALA A 112 4.27 0.08 2.62
C ALA A 112 4.07 0.96 1.39
N TYR A 113 5.05 0.95 0.48
CA TYR A 113 4.93 1.76 -0.73
C TYR A 113 3.80 1.30 -1.65
N GLU A 114 3.45 0.01 -1.61
CA GLU A 114 2.35 -0.46 -2.47
C GLU A 114 1.05 0.28 -2.17
N ASN A 115 0.87 0.77 -0.95
CA ASN A 115 -0.34 1.52 -0.63
C ASN A 115 -0.48 2.75 -1.53
N PHE A 116 0.65 3.32 -1.98
CA PHE A 116 0.58 4.52 -2.81
C PHE A 116 -0.14 4.24 -4.13
N ASN A 117 -0.12 3.00 -4.60
CA ASN A 117 -0.69 2.69 -5.91
C ASN A 117 -2.20 2.78 -5.95
N GLN A 118 -2.85 2.94 -4.79
CA GLN A 118 -4.29 3.13 -4.74
C GLN A 118 -4.69 4.58 -4.97
N HIS A 119 -3.74 5.46 -5.24
CA HIS A 119 -3.99 6.89 -5.40
C HIS A 119 -3.24 7.41 -6.61
N GLU A 120 -3.94 8.15 -7.47
CA GLU A 120 -3.34 8.56 -8.74
C GLU A 120 -2.17 9.53 -8.58
N VAL A 121 -2.24 10.41 -7.58
CA VAL A 121 -1.22 11.42 -7.34
C VAL A 121 -1.09 11.60 -5.83
N LEU A 122 0.15 11.66 -5.33
CA LEU A 122 0.40 11.84 -3.91
C LEU A 122 1.60 12.74 -3.67
N LEU A 123 1.51 13.54 -2.60
N LEU A 123 1.51 13.53 -2.59
CA LEU A 123 2.66 14.17 -1.96
CA LEU A 123 2.64 14.23 -1.98
C LEU A 123 3.10 13.28 -0.81
C LEU A 123 3.09 13.37 -0.81
N ALA A 124 4.41 13.06 -0.66
N ALA A 124 4.34 12.93 -0.82
CA ALA A 124 4.84 12.04 0.28
CA ALA A 124 4.78 11.92 0.15
C ALA A 124 6.27 12.32 0.76
C ALA A 124 6.19 12.17 0.67
N PRO A 125 6.62 11.79 1.93
N PRO A 125 6.47 11.69 1.87
CA PRO A 125 8.02 11.67 2.34
CA PRO A 125 7.84 11.70 2.40
C PRO A 125 8.57 10.28 1.97
C PRO A 125 8.52 10.39 2.01
N LEU A 126 9.88 10.12 2.16
N LEU A 126 9.81 10.32 2.33
CA LEU A 126 10.49 8.81 2.03
CA LEU A 126 10.58 9.10 2.11
C LEU A 126 10.12 7.95 3.23
C LEU A 126 10.33 8.13 3.25
N LEU A 127 9.50 6.80 2.96
N LEU A 127 9.57 7.07 2.99
CA LEU A 127 9.05 5.92 4.02
CA LEU A 127 9.15 6.17 4.07
C LEU A 127 10.24 5.29 4.72
C LEU A 127 10.34 5.48 4.69
N SER A 128 10.12 5.17 6.04
N SER A 128 10.24 5.26 6.00
CA SER A 128 11.10 4.58 6.94
CA SER A 128 11.21 4.55 6.82
C SER A 128 12.39 5.41 7.05
C SER A 128 12.52 5.30 6.96
N ALA A 129 12.46 6.57 6.41
N ALA A 129 12.64 6.52 6.42
CA ALA A 129 13.60 7.47 6.57
CA ALA A 129 13.84 7.32 6.55
C ALA A 129 13.48 8.25 7.88
C ALA A 129 13.76 8.17 7.82
N GLY A 130 14.45 9.13 8.12
N GLY A 130 14.72 9.06 8.01
CA GLY A 130 14.40 9.94 9.33
CA GLY A 130 14.73 9.88 9.21
C GLY A 130 14.43 9.06 10.56
C GLY A 130 14.79 9.04 10.46
N ILE A 131 13.55 9.38 11.52
N ILE A 131 13.94 9.37 11.43
CA ILE A 131 13.55 8.69 12.81
CA ILE A 131 13.99 8.73 12.74
C ILE A 131 13.14 7.22 12.72
C ILE A 131 13.41 7.31 12.67
N PHE A 132 12.64 6.76 11.57
N PHE A 132 12.92 6.90 11.49
CA PHE A 132 12.33 5.34 11.41
CA PHE A 132 12.57 5.50 11.29
C PHE A 132 13.56 4.48 11.13
C PHE A 132 13.79 4.62 11.03
N GLY A 133 14.72 5.11 10.86
N GLY A 133 14.96 5.20 10.75
CA GLY A 133 15.99 4.42 10.95
CA GLY A 133 16.20 4.48 10.86
C GLY A 133 16.48 3.73 9.69
C GLY A 133 16.68 3.72 9.63
N ALA A 134 15.78 3.83 8.56
N ALA A 134 15.92 3.67 8.54
CA ALA A 134 16.25 3.20 7.34
CA ALA A 134 16.35 2.89 7.39
C ALA A 134 17.11 4.16 6.52
C ALA A 134 17.26 3.71 6.48
N ASP A 135 17.92 3.58 5.64
N ASP A 135 17.92 3.00 5.56
CA ASP A 135 18.74 4.36 4.71
CA ASP A 135 18.80 3.62 4.57
C ASP A 135 17.83 5.04 3.70
C ASP A 135 17.96 4.43 3.58
N PRO A 136 17.77 6.38 3.67
N PRO A 136 18.15 5.76 3.51
CA PRO A 136 16.90 7.05 2.69
CA PRO A 136 17.28 6.55 2.62
C PRO A 136 17.22 6.72 1.24
C PRO A 136 17.51 6.28 1.14
N ILE A 137 18.47 6.40 0.93
N ILE A 137 18.74 6.00 0.72
CA ILE A 137 18.83 6.00 -0.44
CA ILE A 137 18.97 5.59 -0.66
C ILE A 137 18.09 4.72 -0.82
C ILE A 137 18.15 4.35 -0.98
N HIS A 138 18.08 3.74 0.09
N HIS A 138 18.11 3.41 -0.03
CA HIS A 138 17.38 2.48 -0.16
CA HIS A 138 17.26 2.24 -0.20
C HIS A 138 15.88 2.71 -0.31
C HIS A 138 15.79 2.63 -0.30
N SER A 139 15.31 3.53 0.57
CA SER A 139 13.90 3.86 0.50
C SER A 139 13.52 4.47 -0.84
N LEU A 140 14.36 5.36 -1.37
CA LEU A 140 14.07 5.95 -2.68
C LEU A 140 14.05 4.89 -3.77
N ARG A 141 14.99 3.94 -3.71
CA ARG A 141 15.03 2.85 -4.70
C ARG A 141 13.75 2.03 -4.63
N VAL A 142 13.33 1.65 -3.42
CA VAL A 142 12.10 0.87 -3.29
C VAL A 142 10.92 1.67 -3.80
N CYS A 143 10.86 2.96 -3.50
CA CYS A 143 9.78 3.80 -4.00
C CYS A 143 9.71 3.74 -5.52
N VAL A 144 10.83 4.00 -6.19
CA VAL A 144 10.84 4.05 -7.65
C VAL A 144 10.47 2.70 -8.24
N ASP A 145 10.88 1.61 -7.59
CA ASP A 145 10.64 0.26 -8.10
C ASP A 145 9.28 -0.32 -7.68
N THR A 146 8.50 0.41 -6.89
CA THR A 146 7.22 -0.09 -6.39
C THR A 146 6.04 0.77 -6.77
N VAL A 147 6.18 2.08 -6.63
CA VAL A 147 5.08 3.00 -6.91
C VAL A 147 4.98 3.22 -8.41
N ARG A 148 3.77 3.05 -8.94
CA ARG A 148 3.47 3.26 -10.35
C ARG A 148 2.63 4.50 -10.59
N THR A 149 1.97 5.03 -9.56
CA THR A 149 1.22 6.27 -9.65
C THR A 149 2.18 7.44 -9.47
N ASN A 150 1.66 8.65 -9.60
CA ASN A 150 2.52 9.84 -9.64
C ASN A 150 2.80 10.32 -8.23
N VAL A 151 4.07 10.26 -7.83
CA VAL A 151 4.46 10.58 -6.48
C VAL A 151 5.46 11.73 -6.49
N TYR A 152 5.16 12.73 -5.66
CA TYR A 152 5.97 13.91 -5.45
C TYR A 152 6.56 13.80 -4.05
N LEU A 153 7.87 13.53 -4.01
CA LEU A 153 8.57 13.31 -2.76
C LEU A 153 9.17 14.60 -2.24
N ALA A 154 8.87 14.92 -0.98
N ALA A 154 8.85 14.95 -1.00
CA ALA A 154 9.46 16.05 -0.28
CA ALA A 154 9.43 16.11 -0.32
C ALA A 154 10.52 15.52 0.67
C ALA A 154 10.40 15.59 0.72
N VAL A 155 11.73 16.02 0.52
N VAL A 155 11.66 16.00 0.61
CA VAL A 155 12.85 15.72 1.40
CA VAL A 155 12.72 15.55 1.51
C VAL A 155 13.19 16.99 2.16
C VAL A 155 13.23 16.77 2.27
N PHE A 156 13.05 16.96 3.49
N PHE A 156 13.03 16.74 3.59
CA PHE A 156 13.26 18.16 4.29
CA PHE A 156 13.27 17.89 4.46
C PHE A 156 14.73 18.56 4.34
C PHE A 156 14.75 18.25 4.53
N ASP A 157 15.62 17.58 4.48
N ASP A 157 15.60 17.25 4.71
CA ASP A 157 17.04 17.85 4.66
CA ASP A 157 17.00 17.48 5.02
C ASP A 157 17.69 18.13 3.31
C ASP A 157 17.76 17.82 3.74
N LYS A 158 18.26 19.33 3.16
N LYS A 158 18.33 19.03 3.69
CA LYS A 158 18.88 19.70 1.88
CA LYS A 158 19.00 19.46 2.46
C LYS A 158 20.10 18.84 1.59
C LYS A 158 20.17 18.54 2.12
N ASN A 159 20.94 18.60 2.61
N ASN A 159 20.98 18.19 3.12
CA ASN A 159 22.10 17.74 2.39
CA ASN A 159 22.17 17.38 2.84
C ASN A 159 21.67 16.33 2.00
C ASN A 159 21.80 16.00 2.32
N LEU A 160 20.59 15.82 2.60
N LEU A 160 20.75 15.39 2.87
CA LEU A 160 20.09 14.52 2.18
CA LEU A 160 20.38 14.07 2.37
C LEU A 160 19.54 14.58 0.77
C LEU A 160 19.71 14.17 1.00
N TYR A 161 18.82 15.65 0.43
N TYR A 161 18.92 15.22 0.76
CA TYR A 161 18.27 15.78 -0.92
CA TYR A 161 18.40 15.45 -0.58
C TYR A 161 19.37 15.71 -1.98
C TYR A 161 19.52 15.49 -1.60
N ASP A 162 20.47 16.43 -1.77
N ASP A 162 20.55 16.30 -1.34
CA ASP A 162 21.54 16.46 -2.76
CA ASP A 162 21.69 16.37 -2.24
C ASP A 162 22.16 15.07 -2.95
C ASP A 162 22.31 14.99 -2.43
N LYS A 163 22.32 14.32 -1.85
N LYS A 163 22.43 14.22 -1.35
CA LYS A 163 22.90 12.99 -1.95
CA LYS A 163 22.97 12.86 -1.45
C LYS A 163 21.95 12.01 -2.65
C LYS A 163 22.04 11.96 -2.25
N LEU A 164 20.65 12.13 -2.39
N LEU A 164 20.72 12.09 -2.05
CA LEU A 164 19.69 11.26 -3.05
CA LEU A 164 19.78 11.25 -2.77
C LEU A 164 19.70 11.50 -4.56
C LEU A 164 19.86 11.50 -4.27
N VAL A 165 19.77 12.77 -4.97
N VAL A 165 19.89 12.76 -4.66
CA VAL A 165 19.80 13.08 -6.40
CA VAL A 165 19.97 13.10 -6.08
C VAL A 165 21.10 12.58 -7.03
C VAL A 165 21.29 12.60 -6.67
N SER A 166 22.23 12.92 -6.43
N SER A 166 22.41 12.92 -6.01
CA SER A 166 23.52 12.62 -7.05
CA SER A 166 23.71 12.62 -6.57
C SER A 166 23.75 11.12 -7.15
C SER A 166 23.99 11.12 -6.68
N SER A 167 23.26 10.35 -6.18
N SER A 167 23.27 10.29 -5.92
CA SER A 167 23.48 8.91 -6.15
CA SER A 167 23.50 8.86 -5.93
C SER A 167 22.38 8.12 -6.84
C SER A 167 22.43 8.08 -6.67
N PHE A 168 21.40 8.79 -7.44
N PHE A 168 21.44 8.75 -7.24
CA PHE A 168 20.26 8.07 -8.02
CA PHE A 168 20.31 8.05 -7.83
C PHE A 168 20.67 7.38 -9.31
C PHE A 168 20.73 7.39 -9.15
N LEU A 169 20.37 6.10 -9.41
N LEU A 169 20.37 6.12 -9.31
CA LEU A 169 20.69 5.33 -10.61
CA LEU A 169 20.71 5.39 -10.53
C LEU A 169 19.48 5.23 -11.52
C LEU A 169 19.54 5.40 -11.50
N SER B 1 -6.57 -26.22 17.97
N SER B 1 -6.62 -26.25 17.98
CA SER B 1 -7.39 -26.36 16.76
CA SER B 1 -7.41 -26.23 16.74
C SER B 1 -6.53 -26.24 15.51
C SER B 1 -6.52 -26.03 15.53
N MET B 2 -7.11 -26.64 14.39
N MET B 2 -7.12 -26.27 14.37
CA MET B 2 -6.39 -26.74 13.12
CA MET B 2 -6.40 -26.42 13.10
C MET B 2 -6.91 -25.65 12.19
C MET B 2 -6.89 -25.31 12.16
N VAL B 3 -6.02 -24.73 11.82
N VAL B 3 -6.07 -24.30 11.97
CA VAL B 3 -6.33 -23.66 10.89
CA VAL B 3 -6.32 -23.25 10.99
C VAL B 3 -5.20 -23.56 9.87
C VAL B 3 -5.16 -23.20 10.02
N ASN B 4 -5.47 -22.88 8.76
CA ASN B 4 -4.48 -22.74 7.69
C ASN B 4 -3.81 -24.09 7.41
N SER B 5 -4.59 -25.16 7.39
CA SER B 5 -4.06 -26.49 7.16
C SER B 5 -4.21 -26.85 5.69
N PHE B 6 -3.38 -26.20 4.89
CA PHE B 6 -3.37 -26.42 3.45
C PHE B 6 -2.65 -27.73 3.15
N SER B 7 -3.24 -28.53 2.27
CA SER B 7 -2.70 -29.85 1.94
C SER B 7 -2.87 -30.13 0.46
N GLY B 8 -1.85 -30.77 -0.13
CA GLY B 8 -1.94 -31.19 -1.51
C GLY B 8 -1.66 -30.11 -2.53
N TYR B 9 -1.01 -29.02 -2.13
CA TYR B 9 -0.67 -27.96 -3.07
C TYR B 9 0.65 -28.23 -3.74
N LEU B 10 0.74 -27.78 -4.99
CA LEU B 10 1.95 -27.83 -5.77
C LEU B 10 2.67 -26.49 -5.63
N LYS B 11 3.96 -26.55 -5.31
CA LYS B 11 4.75 -25.33 -5.14
C LYS B 11 5.15 -24.79 -6.50
N LEU B 12 4.79 -23.54 -6.79
CA LEU B 12 5.26 -22.86 -7.99
C LEU B 12 6.47 -21.98 -7.72
N THR B 13 6.42 -21.18 -6.66
CA THR B 13 7.55 -20.39 -6.17
C THR B 13 7.61 -20.57 -4.66
N ASP B 14 8.57 -19.90 -4.04
N ASP B 14 8.57 -19.90 -4.02
CA ASP B 14 8.73 -20.03 -2.59
CA ASP B 14 8.74 -20.03 -2.58
C ASP B 14 7.46 -19.66 -1.84
C ASP B 14 7.52 -19.56 -1.80
N ASN B 15 6.62 -18.79 -2.41
CA ASN B 15 5.43 -18.30 -1.72
C ASN B 15 4.12 -18.52 -2.45
N VAL B 16 4.11 -19.10 -3.64
CA VAL B 16 2.89 -19.31 -4.42
C VAL B 16 2.70 -20.80 -4.63
N TYR B 17 1.52 -21.29 -4.21
CA TYR B 17 1.14 -22.69 -4.28
C TYR B 17 -0.18 -22.80 -5.02
N ILE B 18 -0.43 -23.96 -5.64
CA ILE B 18 -1.62 -24.11 -6.47
C ILE B 18 -2.19 -25.52 -6.31
N LYS B 19 -3.52 -25.61 -6.39
CA LYS B 19 -4.21 -26.89 -6.22
C LYS B 19 -5.45 -26.89 -7.10
N ASN B 20 -5.76 -28.06 -7.65
CA ASN B 20 -7.02 -28.25 -8.37
C ASN B 20 -8.09 -28.53 -7.33
N ALA B 21 -8.94 -27.53 -7.05
CA ALA B 21 -9.89 -27.68 -5.97
C ALA B 21 -10.99 -26.63 -6.08
N ASP B 22 -12.12 -26.95 -5.45
CA ASP B 22 -13.25 -26.04 -5.26
C ASP B 22 -12.95 -25.16 -4.05
N ILE B 23 -12.85 -23.84 -4.26
CA ILE B 23 -12.39 -22.95 -3.20
C ILE B 23 -13.30 -22.96 -1.99
N VAL B 24 -14.61 -23.19 -2.18
CA VAL B 24 -15.53 -23.30 -1.05
C VAL B 24 -15.21 -24.54 -0.23
N GLU B 25 -15.07 -25.69 -0.90
CA GLU B 25 -14.73 -26.91 -0.18
C GLU B 25 -13.36 -26.78 0.48
N GLU B 26 -12.42 -26.13 -0.20
N GLU B 26 -12.41 -26.13 -0.21
CA GLU B 26 -11.09 -25.92 0.39
CA GLU B 26 -11.10 -25.91 0.37
C GLU B 26 -11.19 -25.07 1.63
C GLU B 26 -11.19 -25.05 1.63
N ALA B 27 -11.95 -23.97 1.56
CA ALA B 27 -12.07 -23.09 2.72
C ALA B 27 -12.63 -23.86 3.91
N LYS B 28 -13.65 -24.68 3.68
CA LYS B 28 -14.27 -25.41 4.79
C LYS B 28 -13.30 -26.43 5.38
N LYS B 29 -12.40 -26.97 4.58
CA LYS B 29 -11.44 -27.95 5.08
C LYS B 29 -10.19 -27.32 5.69
N VAL B 30 -9.67 -26.27 5.06
CA VAL B 30 -8.40 -25.66 5.47
C VAL B 30 -8.58 -24.75 6.69
N LYS B 31 -9.74 -24.15 6.82
CA LYS B 31 -10.06 -23.17 7.84
C LYS B 31 -9.03 -22.03 7.78
N PRO B 32 -8.96 -21.32 6.65
CA PRO B 32 -7.94 -20.27 6.51
C PRO B 32 -8.30 -19.03 7.32
N THR B 33 -7.25 -18.31 7.73
CA THR B 33 -7.47 -16.98 8.29
C THR B 33 -8.13 -16.05 7.28
N VAL B 34 -7.74 -16.17 6.00
CA VAL B 34 -8.23 -15.27 4.96
C VAL B 34 -8.59 -16.09 3.73
N VAL B 35 -9.84 -15.94 3.26
CA VAL B 35 -10.20 -16.36 1.92
C VAL B 35 -10.43 -15.11 1.09
N VAL B 36 -9.89 -15.10 -0.13
CA VAL B 36 -10.06 -13.98 -1.05
C VAL B 36 -11.31 -14.20 -1.89
N ASN B 37 -12.13 -13.16 -2.00
CA ASN B 37 -13.23 -13.12 -2.94
C ASN B 37 -12.85 -12.32 -4.18
N ALA B 38 -13.26 -12.84 -5.34
CA ALA B 38 -13.18 -12.14 -6.62
C ALA B 38 -14.37 -11.18 -6.72
N ALA B 39 -14.22 -10.03 -6.05
CA ALA B 39 -15.30 -9.08 -5.84
C ALA B 39 -15.38 -8.06 -6.98
N ASN B 40 -16.49 -7.35 -7.00
CA ASN B 40 -16.64 -6.13 -7.79
C ASN B 40 -16.84 -4.94 -6.85
N VAL B 41 -16.85 -3.74 -7.42
CA VAL B 41 -16.75 -2.52 -6.60
C VAL B 41 -17.96 -2.34 -5.69
N TYR B 42 -19.12 -2.85 -6.07
CA TYR B 42 -20.31 -2.75 -5.23
C TYR B 42 -20.57 -4.01 -4.41
N LEU B 43 -19.63 -4.94 -4.38
CA LEU B 43 -19.74 -6.15 -3.58
C LEU B 43 -21.06 -6.85 -3.85
N LYS B 44 -21.44 -6.94 -5.13
CA LYS B 44 -22.62 -7.69 -5.57
C LYS B 44 -22.14 -9.06 -6.01
N HIS B 45 -22.40 -10.07 -5.17
CA HIS B 45 -21.78 -11.39 -5.31
C HIS B 45 -22.69 -12.30 -6.14
N GLY B 46 -22.73 -12.01 -7.44
N GLY B 46 -22.73 -12.00 -7.44
CA GLY B 46 -23.65 -12.68 -8.33
CA GLY B 46 -23.64 -12.71 -8.31
C GLY B 46 -23.18 -13.99 -8.93
C GLY B 46 -23.14 -14.04 -8.86
N GLY B 47 -21.99 -14.00 -9.52
CA GLY B 47 -21.52 -15.14 -10.30
C GLY B 47 -20.13 -15.59 -9.91
N GLY B 48 -19.68 -16.65 -10.57
CA GLY B 48 -18.33 -17.12 -10.37
C GLY B 48 -18.01 -17.37 -8.92
N VAL B 49 -16.78 -17.02 -8.53
CA VAL B 49 -16.32 -17.26 -7.16
C VAL B 49 -17.20 -16.53 -6.16
N ALA B 50 -17.52 -15.26 -6.41
CA ALA B 50 -18.30 -14.50 -5.45
C ALA B 50 -19.66 -15.12 -5.21
N GLY B 51 -20.34 -15.53 -6.27
CA GLY B 51 -21.62 -16.18 -6.10
C GLY B 51 -21.50 -17.45 -5.27
N ALA B 52 -20.47 -18.24 -5.51
CA ALA B 52 -20.29 -19.48 -4.76
C ALA B 52 -19.98 -19.21 -3.29
N LEU B 53 -19.09 -18.27 -3.01
CA LEU B 53 -18.79 -17.95 -1.62
C LEU B 53 -20.04 -17.45 -0.91
N ASN B 54 -20.77 -16.53 -1.53
CA ASN B 54 -21.95 -15.98 -0.88
C ASN B 54 -22.99 -17.06 -0.64
N LYS B 55 -23.21 -17.94 -1.61
CA LYS B 55 -24.16 -19.03 -1.44
C LYS B 55 -23.78 -19.91 -0.25
N ALA B 56 -22.48 -20.19 -0.09
CA ALA B 56 -22.04 -21.02 1.02
C ALA B 56 -22.36 -20.37 2.36
N THR B 57 -22.39 -19.04 2.41
CA THR B 57 -22.73 -18.32 3.62
C THR B 57 -24.24 -18.12 3.78
N ASN B 58 -25.06 -18.73 2.92
CA ASN B 58 -26.51 -18.56 2.98
C ASN B 58 -26.90 -17.09 2.90
N ASN B 59 -26.19 -16.33 2.05
CA ASN B 59 -26.44 -14.92 1.75
C ASN B 59 -25.98 -13.98 2.86
N ALA B 60 -25.39 -14.48 3.95
CA ALA B 60 -24.93 -13.58 5.00
C ALA B 60 -23.84 -12.65 4.48
N MET B 61 -23.00 -13.14 3.57
CA MET B 61 -21.97 -12.29 3.00
C MET B 61 -22.59 -11.11 2.24
N GLN B 62 -23.66 -11.37 1.48
CA GLN B 62 -24.28 -10.28 0.71
C GLN B 62 -24.92 -9.25 1.64
N VAL B 63 -25.60 -9.70 2.70
CA VAL B 63 -26.22 -8.76 3.62
C VAL B 63 -25.16 -7.88 4.27
N GLU B 64 -24.07 -8.49 4.72
CA GLU B 64 -22.98 -7.74 5.33
C GLU B 64 -22.36 -6.78 4.32
N SER B 65 -22.19 -7.24 3.08
CA SER B 65 -21.59 -6.40 2.04
C SER B 65 -22.46 -5.20 1.71
N ASP B 66 -23.78 -5.38 1.62
CA ASP B 66 -24.65 -4.25 1.33
C ASP B 66 -24.58 -3.20 2.43
N ASP B 67 -24.48 -3.63 3.69
CA ASP B 67 -24.31 -2.69 4.78
C ASP B 67 -22.96 -1.97 4.68
N TYR B 68 -21.89 -2.69 4.34
CA TYR B 68 -20.60 -2.06 4.14
C TYR B 68 -20.69 -0.96 3.08
N ILE B 69 -21.35 -1.26 1.96
CA ILE B 69 -21.47 -0.28 0.86
C ILE B 69 -22.29 0.92 1.31
N ALA B 70 -23.37 0.71 2.05
CA ALA B 70 -24.16 1.83 2.52
C ALA B 70 -23.32 2.78 3.36
N THR B 71 -22.41 2.25 4.16
CA THR B 71 -21.61 3.07 5.06
C THR B 71 -20.41 3.69 4.35
N ASN B 72 -19.80 2.97 3.41
CA ASN B 72 -18.49 3.33 2.87
C ASN B 72 -18.48 3.66 1.39
N GLY B 73 -19.53 3.33 0.64
CA GLY B 73 -19.51 3.49 -0.80
C GLY B 73 -18.68 2.42 -1.46
N PRO B 74 -18.65 2.44 -2.80
CA PRO B 74 -17.98 1.38 -3.55
C PRO B 74 -16.48 1.42 -3.38
N LEU B 75 -15.88 0.24 -3.58
CA LEU B 75 -14.44 0.12 -3.66
C LEU B 75 -13.94 0.69 -4.98
N LYS B 76 -12.61 0.83 -5.08
CA LYS B 76 -11.94 1.14 -6.33
C LYS B 76 -11.53 -0.17 -7.02
N VAL B 77 -11.55 -0.19 -8.35
CA VAL B 77 -10.91 -1.31 -9.06
C VAL B 77 -9.44 -1.31 -8.67
N GLY B 78 -8.95 -2.48 -8.26
CA GLY B 78 -7.62 -2.61 -7.70
C GLY B 78 -7.57 -2.56 -6.20
N GLY B 79 -8.68 -2.22 -5.54
CA GLY B 79 -8.74 -2.11 -4.10
C GLY B 79 -9.37 -3.32 -3.44
N SER B 80 -9.54 -3.22 -2.12
CA SER B 80 -10.06 -4.33 -1.34
C SER B 80 -10.67 -3.83 -0.04
N CYS B 81 -11.42 -4.72 0.61
CA CYS B 81 -11.82 -4.52 1.99
C CYS B 81 -11.85 -5.87 2.70
N VAL B 82 -11.68 -5.82 4.01
CA VAL B 82 -11.74 -7.01 4.86
C VAL B 82 -13.10 -7.04 5.54
N LEU B 83 -13.82 -8.14 5.34
CA LEU B 83 -15.08 -8.40 6.01
C LEU B 83 -15.02 -9.78 6.68
N SER B 84 -16.13 -10.20 7.28
CA SER B 84 -16.15 -11.50 7.92
C SER B 84 -15.99 -12.62 6.91
N GLY B 85 -15.39 -13.72 7.35
CA GLY B 85 -15.34 -14.93 6.57
C GLY B 85 -16.47 -15.92 6.85
N HIS B 86 -17.39 -15.62 7.77
CA HIS B 86 -18.60 -16.43 7.96
C HIS B 86 -18.21 -17.87 8.26
N ASN B 87 -18.76 -18.85 7.54
CA ASN B 87 -18.43 -20.26 7.74
C ASN B 87 -17.26 -20.71 6.88
N LEU B 88 -16.54 -19.78 6.26
CA LEU B 88 -15.47 -20.10 5.33
C LEU B 88 -14.07 -19.83 5.86
N ALA B 89 -13.93 -18.82 6.71
CA ALA B 89 -12.62 -18.30 7.07
C ALA B 89 -12.82 -17.33 8.21
N LYS B 90 -11.73 -16.93 8.86
CA LYS B 90 -11.86 -15.84 9.83
C LYS B 90 -12.31 -14.57 9.12
N HIS B 91 -11.65 -14.24 8.01
CA HIS B 91 -11.92 -13.03 7.24
C HIS B 91 -12.08 -13.38 5.77
N CYS B 92 -12.88 -12.58 5.09
CA CYS B 92 -12.89 -12.56 3.63
C CYS B 92 -12.28 -11.25 3.16
N LEU B 93 -11.22 -11.35 2.36
CA LEU B 93 -10.62 -10.20 1.70
C LEU B 93 -11.27 -10.06 0.32
N HIS B 94 -12.15 -9.08 0.18
CA HIS B 94 -12.83 -8.81 -1.07
C HIS B 94 -11.91 -7.97 -1.94
N VAL B 95 -11.38 -8.53 -3.02
CA VAL B 95 -10.41 -7.84 -3.88
C VAL B 95 -11.03 -7.64 -5.24
N VAL B 96 -10.94 -6.43 -5.76
CA VAL B 96 -11.51 -6.10 -7.07
C VAL B 96 -10.40 -6.09 -8.12
N GLY B 97 -10.31 -7.16 -8.91
CA GLY B 97 -9.48 -7.14 -10.10
C GLY B 97 -10.23 -6.49 -11.24
N PRO B 98 -9.51 -6.04 -12.27
CA PRO B 98 -10.17 -5.50 -13.46
C PRO B 98 -10.98 -6.57 -14.18
N ASN B 99 -12.16 -6.17 -14.64
CA ASN B 99 -13.03 -7.04 -15.43
C ASN B 99 -12.85 -6.66 -16.90
N VAL B 100 -12.05 -7.46 -17.62
N VAL B 100 -12.06 -7.47 -17.62
CA VAL B 100 -11.83 -7.19 -19.04
CA VAL B 100 -11.81 -7.22 -19.04
C VAL B 100 -13.12 -7.30 -19.83
C VAL B 100 -13.10 -7.32 -19.85
N ASN B 101 -14.02 -8.20 -19.43
CA ASN B 101 -15.32 -8.31 -20.10
C ASN B 101 -16.16 -7.04 -19.93
N LYS B 102 -15.81 -6.18 -18.99
CA LYS B 102 -16.42 -4.86 -18.84
C LYS B 102 -15.52 -3.75 -19.39
N GLY B 103 -14.43 -4.10 -20.05
CA GLY B 103 -13.55 -3.11 -20.65
C GLY B 103 -12.57 -2.46 -19.70
N GLU B 104 -12.48 -2.93 -18.46
N GLU B 104 -12.44 -2.95 -18.48
CA GLU B 104 -11.60 -2.32 -17.48
CA GLU B 104 -11.53 -2.36 -17.51
C GLU B 104 -10.15 -2.65 -17.78
C GLU B 104 -10.09 -2.72 -17.83
N ASP B 105 -9.25 -1.77 -17.33
N ASP B 105 -9.17 -1.87 -17.38
CA ASP B 105 -7.85 -1.83 -17.71
CA ASP B 105 -7.76 -1.95 -17.79
C ASP B 105 -7.16 -3.00 -17.02
C ASP B 105 -7.06 -3.09 -17.07
N ILE B 106 -6.65 -3.94 -17.84
N ILE B 106 -6.58 -4.07 -17.85
CA ILE B 106 -5.93 -5.10 -17.31
CA ILE B 106 -5.85 -5.20 -17.30
C ILE B 106 -4.70 -4.69 -16.51
C ILE B 106 -4.63 -4.76 -16.50
N GLN B 107 -4.16 -3.50 -16.78
N GLN B 107 -4.13 -3.55 -16.75
CA GLN B 107 -2.98 -3.03 -16.04
CA GLN B 107 -2.96 -3.06 -16.02
C GLN B 107 -3.24 -2.97 -14.54
C GLN B 107 -3.23 -2.92 -14.54
N LEU B 108 -4.50 -2.81 -14.13
CA LEU B 108 -4.84 -2.69 -12.70
C LEU B 108 -4.73 -3.99 -11.94
N LEU B 109 -4.40 -5.09 -12.62
CA LEU B 109 -4.31 -6.38 -11.97
C LEU B 109 -3.17 -6.41 -10.95
N LYS B 110 -2.05 -5.74 -11.24
CA LYS B 110 -0.96 -5.74 -10.27
C LYS B 110 -1.39 -5.06 -8.97
N SER B 111 -2.03 -3.89 -9.07
CA SER B 111 -2.55 -3.22 -7.88
C SER B 111 -3.48 -4.14 -7.09
N ALA B 112 -4.36 -4.86 -7.80
CA ALA B 112 -5.26 -5.78 -7.11
C ALA B 112 -4.49 -6.83 -6.32
N TYR B 113 -3.48 -7.44 -6.93
CA TYR B 113 -2.70 -8.45 -6.22
C TYR B 113 -1.91 -7.87 -5.05
N GLU B 114 -1.52 -6.59 -5.11
CA GLU B 114 -0.78 -6.00 -4.00
C GLU B 114 -1.55 -6.08 -2.70
N ASN B 115 -2.89 -6.13 -2.76
CA ASN B 115 -3.67 -6.27 -1.53
C ASN B 115 -3.31 -7.53 -0.78
N PHE B 116 -2.90 -8.58 -1.50
CA PHE B 116 -2.59 -9.85 -0.83
C PHE B 116 -1.40 -9.69 0.12
N ASN B 117 -0.51 -8.73 -0.15
CA ASN B 117 0.70 -8.58 0.66
C ASN B 117 0.40 -8.07 2.07
N GLN B 118 -0.82 -7.66 2.34
CA GLN B 118 -1.21 -7.23 3.68
C GLN B 118 -1.63 -8.40 4.57
N HIS B 119 -1.51 -9.63 4.09
CA HIS B 119 -1.92 -10.82 4.83
C HIS B 119 -0.85 -11.89 4.68
N GLU B 120 -0.44 -12.50 5.80
CA GLU B 120 0.69 -13.41 5.75
C GLU B 120 0.39 -14.68 4.97
N VAL B 121 -0.86 -15.15 5.00
CA VAL B 121 -1.27 -16.36 4.28
C VAL B 121 -2.72 -16.22 3.84
N LEU B 122 -3.01 -16.62 2.61
CA LEU B 122 -4.34 -16.49 2.03
C LEU B 122 -4.67 -17.71 1.17
N LEU B 123 -5.96 -18.08 1.19
CA LEU B 123 -6.56 -18.96 0.19
C LEU B 123 -7.23 -18.08 -0.85
N ALA B 124 -6.94 -18.29 -2.13
CA ALA B 124 -7.38 -17.31 -3.12
C ALA B 124 -7.69 -17.95 -4.47
N PRO B 125 -8.54 -17.30 -5.25
CA PRO B 125 -8.66 -17.60 -6.68
C PRO B 125 -7.69 -16.70 -7.46
N LEU B 126 -7.53 -17.03 -8.75
CA LEU B 126 -6.79 -16.15 -9.65
C LEU B 126 -7.63 -14.93 -9.98
N LEU B 127 -7.11 -13.75 -9.67
CA LEU B 127 -7.85 -12.52 -9.87
C LEU B 127 -8.02 -12.24 -11.36
N SER B 128 -9.18 -11.68 -11.68
CA SER B 128 -9.58 -11.27 -13.02
C SER B 128 -9.77 -12.45 -13.97
N ALA B 129 -9.67 -13.70 -13.49
CA ALA B 129 -9.89 -14.86 -14.33
C ALA B 129 -11.37 -15.14 -14.46
N GLY B 130 -11.69 -16.17 -15.25
CA GLY B 130 -13.05 -16.66 -15.32
C GLY B 130 -13.97 -15.61 -15.90
N ILE B 131 -15.06 -15.35 -15.18
CA ILE B 131 -16.06 -14.41 -15.67
C ILE B 131 -15.53 -12.99 -15.78
N PHE B 132 -14.37 -12.70 -15.19
CA PHE B 132 -13.75 -11.38 -15.34
C PHE B 132 -12.94 -11.24 -16.64
N GLY B 133 -12.68 -12.34 -17.37
CA GLY B 133 -12.22 -12.27 -18.74
C GLY B 133 -10.74 -12.17 -19.00
N ALA B 134 -9.89 -12.08 -17.98
CA ALA B 134 -8.46 -12.03 -18.24
C ALA B 134 -7.91 -13.42 -18.51
N ASP B 135 -6.74 -13.46 -19.16
CA ASP B 135 -6.04 -14.70 -19.40
C ASP B 135 -5.55 -15.24 -18.06
N PRO B 136 -6.00 -16.42 -17.63
CA PRO B 136 -5.55 -16.93 -16.33
C PRO B 136 -4.05 -17.15 -16.27
N ILE B 137 -3.41 -17.45 -17.40
CA ILE B 137 -1.96 -17.56 -17.42
C ILE B 137 -1.31 -16.24 -17.04
N HIS B 138 -1.86 -15.14 -17.57
CA HIS B 138 -1.35 -13.83 -17.20
C HIS B 138 -1.65 -13.50 -15.73
N SER B 139 -2.84 -13.88 -15.25
CA SER B 139 -3.14 -13.62 -13.85
C SER B 139 -2.16 -14.35 -12.94
N LEU B 140 -1.81 -15.59 -13.26
CA LEU B 140 -0.83 -16.31 -12.47
C LEU B 140 0.53 -15.62 -12.53
N ARG B 141 0.92 -15.15 -13.71
CA ARG B 141 2.16 -14.39 -13.88
C ARG B 141 2.21 -13.18 -12.94
N VAL B 142 1.14 -12.38 -12.97
CA VAL B 142 1.12 -11.19 -12.13
C VAL B 142 1.12 -11.58 -10.66
N CYS B 143 0.39 -12.64 -10.31
CA CYS B 143 0.40 -13.12 -8.93
C CYS B 143 1.82 -13.43 -8.47
N VAL B 144 2.53 -14.25 -9.24
CA VAL B 144 3.88 -14.66 -8.84
C VAL B 144 4.81 -13.46 -8.76
N ASP B 145 4.65 -12.48 -9.65
CA ASP B 145 5.54 -11.34 -9.72
C ASP B 145 5.16 -10.22 -8.75
N THR B 146 4.05 -10.35 -8.04
CA THR B 146 3.55 -9.29 -7.17
C THR B 146 3.39 -9.71 -5.72
N VAL B 147 2.84 -10.90 -5.48
CA VAL B 147 2.56 -11.35 -4.14
C VAL B 147 3.83 -11.93 -3.55
N ARG B 148 4.14 -11.50 -2.33
CA ARG B 148 5.30 -12.00 -1.59
C ARG B 148 4.89 -12.79 -0.36
N THR B 149 3.66 -12.65 0.13
CA THR B 149 3.13 -13.45 1.22
C THR B 149 2.68 -14.80 0.66
N ASN B 150 2.25 -15.69 1.55
CA ASN B 150 1.98 -17.07 1.15
C ASN B 150 0.57 -17.19 0.60
N VAL B 151 0.46 -17.47 -0.70
CA VAL B 151 -0.83 -17.54 -1.37
C VAL B 151 -1.03 -18.95 -1.89
N TYR B 152 -2.19 -19.52 -1.54
CA TYR B 152 -2.63 -20.85 -1.91
C TYR B 152 -3.78 -20.67 -2.90
N LEU B 153 -3.52 -20.95 -4.17
CA LEU B 153 -4.48 -20.74 -5.24
C LEU B 153 -5.31 -21.99 -5.48
N ALA B 154 -6.62 -21.82 -5.55
CA ALA B 154 -7.55 -22.90 -5.86
C ALA B 154 -8.06 -22.70 -7.28
N VAL B 155 -7.87 -23.71 -8.12
CA VAL B 155 -8.34 -23.68 -9.50
C VAL B 155 -9.32 -24.84 -9.66
N PHE B 156 -10.58 -24.50 -9.99
CA PHE B 156 -11.65 -25.51 -10.01
C PHE B 156 -11.49 -26.51 -11.15
N ASP B 157 -11.26 -26.05 -12.37
CA ASP B 157 -11.26 -26.92 -13.53
C ASP B 157 -9.90 -27.59 -13.67
N LYS B 158 -9.87 -28.93 -13.60
CA LYS B 158 -8.63 -29.68 -13.75
C LYS B 158 -7.90 -29.31 -15.05
N ASN B 159 -8.65 -29.09 -16.13
CA ASN B 159 -8.01 -28.79 -17.41
C ASN B 159 -7.35 -27.40 -17.41
N LEU B 160 -7.94 -26.43 -16.70
CA LEU B 160 -7.27 -25.15 -16.56
C LEU B 160 -6.07 -25.26 -15.63
N TYR B 161 -6.23 -26.00 -14.53
CA TYR B 161 -5.11 -26.27 -13.63
C TYR B 161 -3.92 -26.81 -14.41
N ASP B 162 -4.17 -27.83 -15.24
CA ASP B 162 -3.09 -28.44 -16.02
C ASP B 162 -2.45 -27.44 -16.97
N LYS B 163 -3.25 -26.58 -17.60
N LYS B 163 -3.25 -26.60 -17.62
CA LYS B 163 -2.69 -25.59 -18.51
CA LYS B 163 -2.70 -25.59 -18.50
C LYS B 163 -1.83 -24.57 -17.75
C LYS B 163 -1.81 -24.60 -17.74
N LEU B 164 -2.28 -24.19 -16.55
CA LEU B 164 -1.52 -23.23 -15.74
C LEU B 164 -0.20 -23.83 -15.26
N VAL B 165 -0.25 -25.06 -14.74
CA VAL B 165 0.95 -25.69 -14.21
C VAL B 165 1.92 -26.02 -15.34
N SER B 166 1.41 -26.65 -16.40
CA SER B 166 2.28 -27.14 -17.46
C SER B 166 2.96 -25.99 -18.19
N SER B 167 2.36 -24.81 -18.23
CA SER B 167 2.94 -23.67 -18.94
C SER B 167 3.71 -22.70 -18.04
N PHE B 168 3.68 -22.89 -16.72
CA PHE B 168 4.38 -21.94 -15.84
C PHE B 168 5.89 -22.04 -15.98
N LEU B 169 6.39 -23.25 -16.25
CA LEU B 169 7.83 -23.49 -16.39
C LEU B 169 8.14 -24.58 -17.39
#